data_5XQ5
#
_entry.id   5XQ5
#
_entity_poly.entity_id   1
_entity_poly.type   'polypeptide(L)'
_entity_poly.pdbx_seq_one_letter_code
;MKANPWQQFAETHNKGDRVEGKIKSITDFGIFIGLDGGIDGLVHLSDISWNVAGEEAVREYKKGDEIAAVVLQVDAERER
ISLGVKQLAEDPFNNLEHHHHHH
;
_entity_poly.pdbx_strand_id   A
#
# COMPACT_ATOMS: atom_id res chain seq x y z
N LYS A 2 -14.23 4.68 -4.14
CA LYS A 2 -15.71 4.53 -4.20
C LYS A 2 -16.25 5.13 -5.47
N ALA A 3 -15.91 6.40 -5.75
CA ALA A 3 -16.36 7.07 -6.95
C ALA A 3 -15.25 7.96 -7.49
N ASN A 4 -15.20 8.10 -8.82
CA ASN A 4 -14.22 8.95 -9.49
C ASN A 4 -12.79 8.56 -9.07
N PRO A 5 -12.36 7.35 -9.47
CA PRO A 5 -11.03 6.85 -9.15
C PRO A 5 -9.94 7.65 -9.82
N TRP A 6 -10.27 8.42 -10.86
CA TRP A 6 -9.29 9.23 -11.56
C TRP A 6 -8.79 10.39 -10.71
N GLN A 7 -9.60 10.80 -9.73
CA GLN A 7 -9.23 11.88 -8.84
C GLN A 7 -8.05 11.48 -7.97
N GLN A 8 -7.91 10.20 -7.66
CA GLN A 8 -6.79 9.70 -6.87
C GLN A 8 -5.56 9.45 -7.74
N PHE A 9 -5.75 9.26 -9.05
CA PHE A 9 -4.64 9.01 -9.95
C PHE A 9 -3.69 10.20 -10.01
N ALA A 10 -4.20 11.40 -9.78
CA ALA A 10 -3.37 12.57 -9.70
C ALA A 10 -2.73 12.76 -8.33
N GLU A 11 -3.23 12.06 -7.31
CA GLU A 11 -2.71 12.15 -5.96
C GLU A 11 -1.48 11.27 -5.78
N THR A 12 -1.35 10.25 -6.64
CA THR A 12 -0.18 9.36 -6.67
C THR A 12 0.98 9.99 -7.43
N HIS A 13 0.83 11.21 -7.92
CA HIS A 13 1.90 11.89 -8.65
C HIS A 13 3.06 12.30 -7.74
N ASN A 14 2.87 12.17 -6.43
CA ASN A 14 3.87 12.52 -5.45
C ASN A 14 5.09 11.62 -5.59
N LYS A 15 6.15 11.97 -4.85
CA LYS A 15 7.40 11.23 -4.87
C LYS A 15 8.39 11.79 -3.86
N GLY A 16 8.69 11.03 -2.83
CA GLY A 16 9.62 11.45 -1.78
C GLY A 16 8.96 11.70 -0.45
N ASP A 17 7.68 11.36 -0.32
CA ASP A 17 6.91 11.57 0.88
C ASP A 17 6.74 10.26 1.63
N ARG A 18 6.10 10.32 2.80
CA ARG A 18 5.90 9.14 3.64
C ARG A 18 4.41 8.88 3.82
N VAL A 19 3.98 7.68 3.48
CA VAL A 19 2.59 7.26 3.62
C VAL A 19 2.45 6.10 4.59
N GLU A 20 1.22 5.61 4.74
CA GLU A 20 0.92 4.48 5.59
C GLU A 20 -0.12 3.56 4.92
N GLY A 21 0.10 2.26 5.06
CA GLY A 21 -0.79 1.25 4.53
C GLY A 21 -2.20 1.41 5.07
N LYS A 22 -3.17 1.40 4.17
CA LYS A 22 -4.57 1.50 4.57
C LYS A 22 -5.15 0.11 4.84
N ILE A 23 -6.08 0.05 5.80
CA ILE A 23 -6.79 -1.21 6.10
C ILE A 23 -8.01 -1.37 5.22
N LYS A 24 -8.42 -0.30 4.53
CA LYS A 24 -9.61 -0.37 3.68
C LYS A 24 -9.48 -1.49 2.64
N SER A 25 -8.26 -1.86 2.32
CA SER A 25 -7.96 -2.93 1.39
C SER A 25 -7.95 -4.29 2.04
N ILE A 26 -7.65 -5.33 1.26
CA ILE A 26 -7.63 -6.70 1.77
C ILE A 26 -6.48 -7.46 1.13
N THR A 27 -6.12 -8.60 1.73
CA THR A 27 -5.10 -9.50 1.21
C THR A 27 -5.71 -10.57 0.34
N ASP A 28 -4.90 -11.11 -0.57
CA ASP A 28 -5.29 -12.20 -1.48
C ASP A 28 -6.37 -11.72 -2.46
N PHE A 29 -6.49 -10.40 -2.60
CA PHE A 29 -7.49 -9.78 -3.45
C PHE A 29 -7.04 -8.42 -3.94
N GLY A 30 -5.74 -8.15 -3.89
CA GLY A 30 -5.19 -6.89 -4.34
C GLY A 30 -4.93 -5.97 -3.15
N ILE A 31 -3.75 -6.13 -2.55
CA ILE A 31 -3.38 -5.30 -1.41
C ILE A 31 -3.13 -3.88 -1.88
N PHE A 32 -3.88 -2.92 -1.34
CA PHE A 32 -3.70 -1.52 -1.67
C PHE A 32 -3.19 -0.73 -0.49
N ILE A 33 -2.20 0.14 -0.72
CA ILE A 33 -1.60 0.95 0.35
C ILE A 33 -1.54 2.41 -0.05
N GLY A 34 -2.35 3.24 0.58
CA GLY A 34 -2.34 4.65 0.29
C GLY A 34 -2.92 5.50 1.38
N LEU A 35 -3.04 6.80 1.14
CA LEU A 35 -3.63 7.72 2.10
C LEU A 35 -5.02 8.14 1.68
N ASP A 36 -5.76 8.74 2.62
CA ASP A 36 -7.10 9.26 2.37
C ASP A 36 -7.15 10.14 1.12
N GLY A 37 -6.16 11.03 0.96
CA GLY A 37 -6.04 11.87 -0.22
C GLY A 37 -4.64 11.87 -0.82
N GLY A 38 -3.72 11.13 -0.24
CA GLY A 38 -2.35 11.05 -0.74
C GLY A 38 -2.23 10.06 -1.88
N ILE A 39 -1.09 9.38 -1.95
CA ILE A 39 -0.85 8.40 -3.00
C ILE A 39 -1.60 7.10 -2.73
N ASP A 40 -1.60 6.21 -3.71
CA ASP A 40 -2.21 4.90 -3.60
C ASP A 40 -1.35 3.83 -4.26
N GLY A 41 -1.38 2.63 -3.66
CA GLY A 41 -0.61 1.51 -4.15
C GLY A 41 -1.46 0.30 -4.38
N LEU A 42 -0.87 -0.72 -5.01
CA LEU A 42 -1.55 -1.97 -5.30
C LEU A 42 -0.58 -3.13 -5.47
N VAL A 43 -1.00 -4.32 -5.05
CA VAL A 43 -0.15 -5.50 -5.13
C VAL A 43 -1.00 -6.72 -5.39
N HIS A 44 -1.03 -7.15 -6.65
CA HIS A 44 -1.79 -8.34 -7.03
C HIS A 44 -0.99 -9.61 -6.79
N LEU A 45 0.32 -9.48 -6.57
CA LEU A 45 1.19 -10.61 -6.28
C LEU A 45 0.83 -11.28 -4.94
N SER A 46 0.08 -10.55 -4.10
CA SER A 46 -0.42 -11.09 -2.84
C SER A 46 -1.57 -12.06 -3.04
N ASP A 47 -1.99 -12.29 -4.28
CA ASP A 47 -3.07 -13.22 -4.60
C ASP A 47 -2.62 -14.68 -4.47
N ILE A 48 -1.34 -14.88 -4.20
CA ILE A 48 -0.77 -16.22 -4.08
C ILE A 48 -0.70 -16.64 -2.64
N SER A 49 -0.01 -15.84 -1.83
CA SER A 49 0.11 -16.09 -0.41
C SER A 49 0.93 -17.36 -0.16
N TRP A 50 1.53 -17.46 1.02
CA TRP A 50 2.31 -18.66 1.35
C TRP A 50 1.42 -19.82 1.77
N ASN A 51 0.53 -19.54 2.72
CA ASN A 51 -0.41 -20.55 3.21
C ASN A 51 -1.70 -19.93 3.70
N VAL A 52 -1.58 -18.88 4.53
CA VAL A 52 -2.73 -18.17 5.08
C VAL A 52 -2.97 -16.88 4.31
N ALA A 53 -4.18 -16.33 4.47
CA ALA A 53 -4.53 -15.07 3.84
C ALA A 53 -4.40 -13.92 4.82
N GLY A 54 -3.87 -12.80 4.32
CA GLY A 54 -3.72 -11.61 5.15
C GLY A 54 -5.07 -10.97 5.48
N GLU A 55 -6.16 -11.42 4.83
CA GLU A 55 -7.49 -10.88 5.09
C GLU A 55 -7.81 -10.89 6.58
N GLU A 56 -7.25 -11.85 7.32
CA GLU A 56 -7.44 -11.94 8.76
C GLU A 56 -6.39 -11.15 9.52
N ALA A 57 -5.12 -11.29 9.14
CA ALA A 57 -4.02 -10.58 9.80
C ALA A 57 -4.21 -9.07 9.72
N VAL A 58 -4.82 -8.61 8.64
CA VAL A 58 -5.09 -7.19 8.43
C VAL A 58 -6.38 -6.79 9.11
N ARG A 59 -7.28 -7.74 9.38
CA ARG A 59 -8.52 -7.47 10.08
C ARG A 59 -8.30 -7.08 11.54
N GLU A 60 -7.08 -7.25 12.03
CA GLU A 60 -6.73 -6.91 13.40
C GLU A 60 -6.23 -5.47 13.52
N TYR A 61 -5.67 -4.94 12.44
CA TYR A 61 -5.20 -3.57 12.39
C TYR A 61 -6.32 -2.57 12.66
N LYS A 62 -5.98 -1.29 12.61
CA LYS A 62 -6.95 -0.23 12.77
C LYS A 62 -7.29 0.49 11.47
N LYS A 63 -8.19 1.48 11.57
CA LYS A 63 -8.54 2.30 10.42
C LYS A 63 -7.32 3.02 9.85
N GLY A 64 -6.97 2.68 8.61
CA GLY A 64 -5.81 3.26 7.96
C GLY A 64 -4.48 2.73 8.48
N ASP A 65 -4.51 1.68 9.30
CA ASP A 65 -3.31 1.06 9.84
C ASP A 65 -2.98 -0.20 9.07
N GLU A 66 -1.69 -0.45 8.89
CA GLU A 66 -1.18 -1.62 8.18
C GLU A 66 0.34 -1.60 8.11
N ILE A 67 0.88 -0.67 7.32
CA ILE A 67 2.32 -0.56 7.11
C ILE A 67 2.76 0.89 7.07
N ALA A 68 4.05 1.13 6.94
CA ALA A 68 4.58 2.48 6.82
C ALA A 68 5.81 2.52 5.93
N ALA A 69 5.75 3.37 4.91
CA ALA A 69 6.85 3.54 3.98
C ALA A 69 6.74 4.82 3.18
N VAL A 70 7.75 5.08 2.36
CA VAL A 70 7.79 6.26 1.51
C VAL A 70 7.52 5.92 0.06
N VAL A 71 6.80 6.78 -0.64
CA VAL A 71 6.47 6.57 -2.05
C VAL A 71 7.33 7.41 -2.97
N LEU A 72 8.13 6.77 -3.82
CA LEU A 72 9.10 7.47 -4.65
C LEU A 72 8.71 7.28 -6.09
N GLN A 73 8.27 6.08 -6.43
CA GLN A 73 7.84 5.77 -7.78
C GLN A 73 6.54 4.99 -7.77
N VAL A 74 5.58 5.46 -8.56
CA VAL A 74 4.24 4.88 -8.62
C VAL A 74 3.54 5.22 -9.92
N ASP A 75 3.02 4.19 -10.58
CA ASP A 75 2.36 4.38 -11.87
C ASP A 75 0.94 3.84 -11.81
N ALA A 76 -0.02 4.62 -12.29
CA ALA A 76 -1.41 4.19 -12.27
C ALA A 76 -1.72 3.23 -13.41
N GLU A 77 -0.96 3.35 -14.51
CA GLU A 77 -1.13 2.47 -15.67
C GLU A 77 -0.25 1.23 -15.56
N ARG A 78 0.95 1.41 -15.02
CA ARG A 78 1.86 0.29 -14.85
C ARG A 78 1.58 -0.47 -13.56
N GLU A 79 0.94 0.19 -12.60
CA GLU A 79 0.60 -0.39 -11.31
C GLU A 79 1.85 -0.79 -10.52
N ARG A 80 2.98 -0.15 -10.84
CA ARG A 80 4.26 -0.47 -10.24
C ARG A 80 4.55 0.48 -9.10
N ILE A 81 4.54 -0.03 -7.88
CA ILE A 81 4.78 0.79 -6.69
C ILE A 81 6.12 0.43 -6.09
N SER A 82 6.88 1.44 -5.71
CA SER A 82 8.20 1.25 -5.13
C SER A 82 8.40 2.18 -3.95
N LEU A 83 8.87 1.61 -2.85
CA LEU A 83 9.14 2.33 -1.62
C LEU A 83 10.60 2.29 -1.23
N GLY A 84 11.02 3.24 -0.41
CA GLY A 84 12.41 3.37 -0.02
C GLY A 84 12.56 2.99 1.43
N VAL A 85 11.47 2.60 2.10
CA VAL A 85 11.50 2.16 3.49
C VAL A 85 12.53 1.06 3.71
N LYS A 86 12.75 0.23 2.68
CA LYS A 86 13.73 -0.85 2.78
C LYS A 86 15.15 -0.31 2.71
N GLN A 87 15.37 0.73 1.91
CA GLN A 87 16.67 1.38 1.81
C GLN A 87 16.93 2.33 2.99
N LEU A 88 15.88 2.80 3.66
CA LEU A 88 16.00 3.74 4.74
C LEU A 88 16.74 3.11 5.90
N ALA A 89 16.20 2.00 6.42
CA ALA A 89 16.77 1.28 7.54
C ALA A 89 15.97 0.00 7.82
N GLU A 90 16.66 -0.98 8.39
CA GLU A 90 16.04 -2.24 8.78
C GLU A 90 15.10 -2.05 9.96
N ASP A 91 14.49 -3.16 10.41
CA ASP A 91 13.55 -3.13 11.51
C ASP A 91 13.67 -4.41 12.35
N PRO A 92 13.31 -4.31 13.65
CA PRO A 92 13.33 -5.44 14.57
C PRO A 92 12.26 -6.49 14.26
N PHE A 93 11.36 -6.18 13.34
CA PHE A 93 10.31 -7.07 12.91
C PHE A 93 10.07 -6.99 11.41
N ASN A 94 9.17 -7.82 10.91
CA ASN A 94 8.79 -7.80 9.51
C ASN A 94 7.32 -8.18 9.38
N ASN A 95 6.58 -7.41 8.56
CA ASN A 95 5.18 -7.68 8.26
C ASN A 95 4.91 -9.06 7.58
N LYS A 2 -17.53 4.29 -12.31
CA LYS A 2 -17.27 3.05 -11.55
C LYS A 2 -15.81 2.63 -11.64
N ALA A 3 -15.12 2.98 -12.73
CA ALA A 3 -13.72 2.64 -12.94
C ALA A 3 -12.97 3.81 -13.58
N ASN A 4 -13.10 5.00 -12.98
CA ASN A 4 -12.42 6.19 -13.50
C ASN A 4 -11.83 7.03 -12.36
N PRO A 5 -10.78 6.51 -11.69
CA PRO A 5 -10.13 7.16 -10.57
C PRO A 5 -9.36 8.39 -11.01
N TRP A 6 -10.06 9.49 -11.29
CA TRP A 6 -9.39 10.71 -11.71
C TRP A 6 -8.81 11.50 -10.55
N GLN A 7 -9.43 11.35 -9.37
CA GLN A 7 -8.97 12.02 -8.17
C GLN A 7 -7.74 11.32 -7.62
N GLN A 8 -7.60 10.01 -7.86
CA GLN A 8 -6.43 9.25 -7.40
C GLN A 8 -5.22 9.50 -8.28
N PHE A 9 -5.43 9.89 -9.55
CA PHE A 9 -4.34 10.20 -10.47
C PHE A 9 -3.44 11.31 -9.93
N ALA A 10 -4.01 12.24 -9.17
CA ALA A 10 -3.23 13.31 -8.54
C ALA A 10 -2.56 12.85 -7.26
N GLU A 11 -3.10 11.83 -6.61
CA GLU A 11 -2.54 11.30 -5.37
C GLU A 11 -1.29 10.49 -5.67
N THR A 12 -1.26 9.76 -6.80
CA THR A 12 -0.09 8.99 -7.29
C THR A 12 0.96 9.87 -7.95
N HIS A 13 0.75 11.18 -7.98
CA HIS A 13 1.73 12.10 -8.56
C HIS A 13 2.75 12.57 -7.54
N ASN A 14 2.42 12.47 -6.25
CA ASN A 14 3.32 12.86 -5.18
C ASN A 14 4.55 11.96 -5.13
N LYS A 15 5.50 12.33 -4.28
CA LYS A 15 6.76 11.61 -4.12
C LYS A 15 7.63 12.23 -3.02
N GLY A 16 7.88 11.46 -1.96
CA GLY A 16 8.68 11.91 -0.83
C GLY A 16 7.89 12.07 0.45
N ASP A 17 6.64 11.64 0.45
CA ASP A 17 5.73 11.77 1.58
C ASP A 17 5.63 10.44 2.31
N ARG A 18 4.97 10.44 3.46
CA ARG A 18 4.78 9.25 4.29
C ARG A 18 3.32 8.84 4.34
N VAL A 19 3.06 7.59 4.00
CA VAL A 19 1.72 7.00 4.03
C VAL A 19 1.61 5.89 5.06
N GLU A 20 0.44 5.29 5.13
CA GLU A 20 0.18 4.17 6.02
C GLU A 20 -0.73 3.15 5.32
N GLY A 21 -0.42 1.88 5.54
CA GLY A 21 -1.18 0.77 5.02
C GLY A 21 -2.56 0.75 5.62
N LYS A 22 -3.57 0.81 4.76
CA LYS A 22 -4.95 0.69 5.18
C LYS A 22 -5.50 -0.70 4.96
N ILE A 23 -6.35 -1.15 5.87
CA ILE A 23 -7.03 -2.47 5.73
C ILE A 23 -8.36 -2.32 5.03
N LYS A 24 -8.81 -1.08 4.82
CA LYS A 24 -10.07 -0.85 4.12
C LYS A 24 -10.03 -1.33 2.66
N SER A 25 -8.86 -1.64 2.16
CA SER A 25 -8.64 -2.17 0.84
C SER A 25 -9.09 -3.62 0.73
N ILE A 26 -8.85 -4.22 -0.42
CA ILE A 26 -9.19 -5.60 -0.70
C ILE A 26 -7.94 -6.42 -0.95
N THR A 27 -7.98 -7.70 -0.62
CA THR A 27 -6.89 -8.64 -0.83
C THR A 27 -7.25 -9.62 -1.93
N ASP A 28 -6.24 -10.23 -2.54
CA ASP A 28 -6.38 -11.24 -3.60
C ASP A 28 -6.98 -10.61 -4.88
N PHE A 29 -6.94 -9.28 -4.94
CA PHE A 29 -7.46 -8.51 -6.05
C PHE A 29 -6.73 -7.17 -6.21
N GLY A 30 -5.54 -7.04 -5.64
CA GLY A 30 -4.77 -5.80 -5.73
C GLY A 30 -4.95 -4.97 -4.48
N ILE A 31 -4.14 -5.26 -3.48
CA ILE A 31 -4.17 -4.51 -2.22
C ILE A 31 -3.69 -3.09 -2.48
N PHE A 32 -4.56 -2.10 -2.24
CA PHE A 32 -4.21 -0.70 -2.39
C PHE A 32 -4.20 0.02 -1.04
N ILE A 33 -3.14 0.74 -0.75
CA ILE A 33 -3.03 1.48 0.51
C ILE A 33 -2.88 2.96 0.26
N GLY A 34 -3.91 3.74 0.57
CA GLY A 34 -3.86 5.19 0.38
C GLY A 34 -4.15 5.90 1.68
N LEU A 35 -3.22 6.77 2.09
CA LEU A 35 -3.40 7.59 3.29
C LEU A 35 -4.66 8.43 3.18
N ASP A 36 -5.12 8.98 4.32
CA ASP A 36 -6.29 9.85 4.38
C ASP A 36 -6.23 10.98 3.34
N GLY A 37 -5.02 11.45 3.03
CA GLY A 37 -4.80 12.46 1.99
C GLY A 37 -3.42 12.42 1.35
N GLY A 38 -2.76 11.25 1.41
CA GLY A 38 -1.43 11.06 0.83
C GLY A 38 -1.51 10.33 -0.49
N ILE A 39 -0.59 9.39 -0.70
CA ILE A 39 -0.48 8.64 -1.95
C ILE A 39 -1.01 7.23 -1.74
N ASP A 40 -1.58 6.67 -2.78
CA ASP A 40 -2.02 5.29 -2.81
C ASP A 40 -0.97 4.33 -3.39
N GLY A 41 -0.97 3.10 -2.88
CA GLY A 41 -0.05 2.08 -3.31
C GLY A 41 -0.70 0.73 -3.49
N LEU A 42 -0.91 0.34 -4.74
CA LEU A 42 -1.45 -0.96 -5.09
C LEU A 42 -0.36 -2.03 -5.16
N VAL A 43 -0.77 -3.28 -5.02
CA VAL A 43 0.12 -4.42 -5.23
C VAL A 43 -0.67 -5.70 -5.47
N HIS A 44 -0.48 -6.31 -6.63
CA HIS A 44 -1.14 -7.58 -6.94
C HIS A 44 -0.34 -8.76 -6.41
N LEU A 45 0.95 -8.56 -6.14
CA LEU A 45 1.81 -9.60 -5.60
C LEU A 45 1.37 -10.03 -4.21
N SER A 46 0.59 -9.19 -3.53
CA SER A 46 0.01 -9.54 -2.24
C SER A 46 -1.19 -10.49 -2.36
N ASP A 47 -1.56 -10.87 -3.58
CA ASP A 47 -2.67 -11.79 -3.84
C ASP A 47 -2.24 -13.24 -3.64
N ILE A 48 -0.97 -13.46 -3.28
CA ILE A 48 -0.42 -14.80 -3.08
C ILE A 48 -0.45 -15.17 -1.63
N SER A 49 0.15 -14.31 -0.81
CA SER A 49 0.19 -14.50 0.64
C SER A 49 1.06 -15.72 1.01
N TRP A 50 1.57 -15.76 2.23
CA TRP A 50 2.37 -16.92 2.64
C TRP A 50 1.49 -18.09 3.05
N ASN A 51 0.52 -17.82 3.93
CA ASN A 51 -0.41 -18.84 4.41
C ASN A 51 -1.76 -18.25 4.80
N VAL A 52 -1.72 -17.16 5.58
CA VAL A 52 -2.91 -16.46 6.06
C VAL A 52 -2.99 -15.08 5.42
N ALA A 53 -4.18 -14.49 5.49
CA ALA A 53 -4.41 -13.14 4.98
C ALA A 53 -4.30 -12.11 6.09
N GLY A 54 -4.38 -10.84 5.68
CA GLY A 54 -4.35 -9.72 6.60
C GLY A 54 -5.55 -9.70 7.50
N GLU A 55 -6.62 -10.45 7.21
CA GLU A 55 -7.84 -10.55 8.02
C GLU A 55 -7.54 -10.81 9.50
N GLU A 56 -6.45 -11.52 9.79
CA GLU A 56 -6.01 -11.80 11.15
C GLU A 56 -5.07 -10.71 11.67
N ALA A 57 -4.15 -10.25 10.83
CA ALA A 57 -3.21 -9.18 11.22
C ALA A 57 -3.95 -7.91 11.63
N VAL A 58 -4.98 -7.56 10.86
CA VAL A 58 -5.82 -6.40 11.15
C VAL A 58 -6.71 -6.61 12.36
N ARG A 59 -6.98 -7.87 12.72
CA ARG A 59 -7.82 -8.18 13.86
C ARG A 59 -7.34 -7.45 15.13
N GLU A 60 -6.04 -7.19 15.22
CA GLU A 60 -5.45 -6.44 16.33
C GLU A 60 -5.21 -4.97 15.99
N TYR A 61 -4.97 -4.68 14.71
CA TYR A 61 -4.79 -3.32 14.25
C TYR A 61 -6.08 -2.50 14.32
N LYS A 62 -6.01 -1.25 13.84
CA LYS A 62 -7.16 -0.36 13.79
C LYS A 62 -7.71 -0.20 12.37
N LYS A 63 -8.79 0.57 12.27
CA LYS A 63 -9.38 0.88 10.98
C LYS A 63 -8.41 1.72 10.14
N GLY A 64 -7.99 1.16 9.00
CA GLY A 64 -7.06 1.84 8.10
C GLY A 64 -5.61 1.73 8.55
N ASP A 65 -5.31 0.88 9.53
CA ASP A 65 -3.95 0.68 10.02
C ASP A 65 -3.38 -0.65 9.56
N GLU A 66 -2.07 -0.74 9.36
CA GLU A 66 -1.42 -1.96 8.88
C GLU A 66 0.10 -1.77 8.84
N ILE A 67 0.56 -0.89 7.95
CA ILE A 67 1.99 -0.63 7.77
C ILE A 67 2.25 0.86 7.71
N ALA A 68 3.52 1.26 7.61
CA ALA A 68 3.89 2.66 7.46
C ALA A 68 5.18 2.79 6.67
N ALA A 69 5.14 3.59 5.61
CA ALA A 69 6.30 3.84 4.78
C ALA A 69 6.12 5.10 3.94
N VAL A 70 7.19 5.49 3.26
CA VAL A 70 7.20 6.67 2.40
C VAL A 70 7.28 6.28 0.94
N VAL A 71 6.50 6.93 0.10
CA VAL A 71 6.51 6.69 -1.34
C VAL A 71 7.57 7.55 -2.03
N LEU A 72 8.22 6.98 -3.03
CA LEU A 72 9.26 7.65 -3.80
C LEU A 72 8.93 7.66 -5.28
N GLN A 73 8.61 6.50 -5.84
CA GLN A 73 8.31 6.37 -7.26
C GLN A 73 7.11 5.46 -7.45
N VAL A 74 6.22 5.84 -8.34
CA VAL A 74 4.99 5.08 -8.57
C VAL A 74 4.51 5.33 -9.99
N ASP A 75 3.74 4.38 -10.52
CA ASP A 75 3.24 4.47 -11.87
C ASP A 75 1.76 4.11 -11.90
N ALA A 76 0.94 4.97 -12.50
CA ALA A 76 -0.49 4.72 -12.60
C ALA A 76 -0.84 3.75 -13.73
N GLU A 77 0.04 3.66 -14.74
CA GLU A 77 -0.17 2.77 -15.87
C GLU A 77 0.47 1.41 -15.62
N ARG A 78 1.62 1.41 -14.94
CA ARG A 78 2.31 0.16 -14.62
C ARG A 78 1.79 -0.45 -13.32
N GLU A 79 1.20 0.38 -12.46
CA GLU A 79 0.64 -0.06 -11.18
C GLU A 79 1.76 -0.53 -10.24
N ARG A 80 2.98 -0.04 -10.45
CA ARG A 80 4.13 -0.43 -9.65
C ARG A 80 4.53 0.71 -8.74
N ILE A 81 4.34 0.54 -7.45
CA ILE A 81 4.73 1.55 -6.47
C ILE A 81 5.97 1.12 -5.72
N SER A 82 6.77 2.07 -5.30
CA SER A 82 7.95 1.80 -4.50
C SER A 82 8.06 2.77 -3.32
N LEU A 83 8.58 2.23 -2.21
CA LEU A 83 8.70 2.96 -0.96
C LEU A 83 10.13 2.94 -0.47
N GLY A 84 10.50 3.96 0.29
CA GLY A 84 11.84 4.10 0.84
C GLY A 84 12.01 3.31 2.12
N VAL A 85 11.00 2.54 2.52
CA VAL A 85 11.06 1.69 3.72
C VAL A 85 12.29 0.78 3.70
N LYS A 86 12.73 0.39 2.50
CA LYS A 86 13.86 -0.51 2.36
C LYS A 86 15.18 0.24 2.61
N GLN A 87 15.22 1.51 2.20
CA GLN A 87 16.36 2.37 2.43
C GLN A 87 16.36 2.94 3.86
N LEU A 88 15.21 2.97 4.52
CA LEU A 88 15.09 3.52 5.86
C LEU A 88 15.87 2.67 6.85
N ALA A 89 15.51 1.38 6.94
CA ALA A 89 16.14 0.43 7.82
C ALA A 89 15.74 -0.99 7.46
N GLU A 90 16.49 -1.96 7.97
CA GLU A 90 16.18 -3.38 7.82
C GLU A 90 14.80 -3.73 8.37
N ASP A 91 14.39 -4.97 8.17
CA ASP A 91 13.09 -5.43 8.61
C ASP A 91 13.17 -6.86 9.16
N PRO A 92 12.25 -7.23 10.07
CA PRO A 92 12.16 -8.57 10.65
C PRO A 92 11.73 -9.64 9.65
N PHE A 93 11.30 -9.22 8.45
CA PHE A 93 10.88 -10.11 7.39
C PHE A 93 11.68 -9.86 6.13
N ASN A 94 11.79 -10.90 5.31
CA ASN A 94 12.54 -10.84 4.04
C ASN A 94 12.41 -12.17 3.28
N ASN A 95 12.36 -12.09 1.96
CA ASN A 95 12.28 -13.26 1.07
C ASN A 95 13.05 -13.04 -0.23
N LYS A 2 -16.79 5.76 -10.43
CA LYS A 2 -15.78 6.82 -10.66
C LYS A 2 -15.59 7.08 -12.13
N ALA A 3 -15.68 6.03 -12.97
CA ALA A 3 -15.54 6.10 -14.42
C ALA A 3 -14.13 6.55 -14.79
N ASN A 4 -13.18 5.61 -14.83
CA ASN A 4 -11.81 5.90 -15.21
C ASN A 4 -11.20 6.98 -14.28
N PRO A 5 -11.02 6.65 -12.99
CA PRO A 5 -10.52 7.58 -11.99
C PRO A 5 -9.08 7.95 -12.25
N TRP A 6 -8.81 8.92 -13.11
CA TRP A 6 -7.45 9.32 -13.43
C TRP A 6 -6.89 10.27 -12.38
N GLN A 7 -7.78 11.04 -11.74
CA GLN A 7 -7.39 11.99 -10.71
C GLN A 7 -6.82 11.26 -9.53
N GLN A 8 -7.58 10.33 -8.94
CA GLN A 8 -7.12 9.54 -7.81
C GLN A 8 -5.93 8.67 -8.22
N PHE A 9 -5.79 8.36 -9.50
CA PHE A 9 -4.62 7.63 -9.95
C PHE A 9 -3.40 8.50 -10.13
N ALA A 10 -3.55 9.77 -10.46
CA ALA A 10 -2.42 10.67 -10.59
C ALA A 10 -1.85 11.05 -9.23
N GLU A 11 -2.56 10.77 -8.14
CA GLU A 11 -2.09 11.10 -6.81
C GLU A 11 -0.83 10.30 -6.45
N THR A 12 -0.68 9.10 -7.05
CA THR A 12 0.50 8.26 -6.89
C THR A 12 1.60 8.72 -7.83
N HIS A 13 1.43 9.78 -8.61
CA HIS A 13 2.51 10.22 -9.51
C HIS A 13 3.79 10.62 -8.78
N ASN A 14 3.71 10.84 -7.47
CA ASN A 14 4.81 11.18 -6.62
C ASN A 14 5.84 10.04 -6.59
N LYS A 15 7.03 10.35 -6.08
CA LYS A 15 8.15 9.41 -6.00
C LYS A 15 9.34 10.05 -5.31
N GLY A 16 9.69 9.52 -4.14
CA GLY A 16 10.82 10.01 -3.35
C GLY A 16 10.41 10.66 -2.04
N ASP A 17 9.12 10.59 -1.70
CA ASP A 17 8.57 11.19 -0.51
C ASP A 17 8.03 10.10 0.42
N ARG A 18 7.36 10.54 1.50
CA ARG A 18 6.76 9.65 2.48
C ARG A 18 5.25 9.83 2.55
N VAL A 19 4.53 8.74 2.41
CA VAL A 19 3.07 8.70 2.47
C VAL A 19 2.60 7.87 3.64
N GLU A 20 1.28 7.76 3.77
CA GLU A 20 0.67 6.93 4.76
C GLU A 20 -0.30 5.93 4.13
N GLY A 21 -0.31 4.71 4.68
CA GLY A 21 -1.19 3.64 4.25
C GLY A 21 -2.32 3.37 5.20
N LYS A 22 -3.11 2.35 4.91
CA LYS A 22 -4.24 1.93 5.72
C LYS A 22 -4.54 0.46 5.57
N ILE A 23 -4.96 -0.18 6.66
CA ILE A 23 -5.33 -1.60 6.64
C ILE A 23 -6.80 -1.76 6.32
N LYS A 24 -7.55 -0.68 6.28
CA LYS A 24 -8.98 -0.76 5.97
C LYS A 24 -9.22 -1.42 4.61
N SER A 25 -8.22 -1.36 3.72
CA SER A 25 -8.25 -2.07 2.46
C SER A 25 -8.34 -3.59 2.60
N ILE A 26 -8.23 -4.28 1.46
CA ILE A 26 -8.28 -5.73 1.42
C ILE A 26 -6.92 -6.28 0.97
N THR A 27 -6.70 -7.57 1.21
CA THR A 27 -5.50 -8.27 0.79
C THR A 27 -5.85 -9.38 -0.17
N ASP A 28 -4.91 -9.70 -1.06
CA ASP A 28 -5.04 -10.76 -2.05
C ASP A 28 -6.13 -10.44 -3.09
N PHE A 29 -6.57 -9.18 -3.11
CA PHE A 29 -7.65 -8.67 -3.96
C PHE A 29 -7.50 -7.18 -4.25
N GLY A 30 -6.27 -6.67 -4.25
CA GLY A 30 -6.00 -5.27 -4.54
C GLY A 30 -5.74 -4.51 -3.26
N ILE A 31 -4.50 -4.57 -2.80
CA ILE A 31 -4.11 -3.86 -1.58
C ILE A 31 -4.15 -2.37 -1.84
N PHE A 32 -4.94 -1.65 -1.03
CA PHE A 32 -5.04 -0.19 -1.10
C PHE A 32 -4.43 0.48 0.12
N ILE A 33 -3.58 1.46 -0.07
CA ILE A 33 -2.95 2.18 1.04
C ILE A 33 -2.89 3.67 0.73
N GLY A 34 -3.67 4.46 1.45
CA GLY A 34 -3.64 5.91 1.28
C GLY A 34 -4.25 6.65 2.44
N LEU A 35 -4.24 7.98 2.34
CA LEU A 35 -4.82 8.86 3.36
C LEU A 35 -6.12 9.50 2.89
N ASP A 36 -6.59 10.47 3.67
CA ASP A 36 -7.79 11.20 3.34
C ASP A 36 -7.55 12.27 2.26
N GLY A 37 -6.35 12.87 2.29
CA GLY A 37 -5.94 13.87 1.31
C GLY A 37 -4.51 13.67 0.80
N GLY A 38 -3.82 12.61 1.25
CA GLY A 38 -2.49 12.29 0.84
C GLY A 38 -2.49 11.55 -0.49
N ILE A 39 -1.67 10.48 -0.56
CA ILE A 39 -1.53 9.69 -1.77
C ILE A 39 -2.19 8.36 -1.55
N ASP A 40 -2.92 7.89 -2.55
CA ASP A 40 -3.52 6.57 -2.57
C ASP A 40 -2.65 5.54 -3.32
N GLY A 41 -2.73 4.30 -2.84
CA GLY A 41 -1.96 3.20 -3.42
C GLY A 41 -2.85 2.06 -3.80
N LEU A 42 -2.38 1.23 -4.72
CA LEU A 42 -3.12 0.08 -5.22
C LEU A 42 -2.21 -0.97 -5.77
N VAL A 43 -2.54 -2.25 -5.55
CA VAL A 43 -1.71 -3.37 -5.99
C VAL A 43 -2.59 -4.57 -6.32
N HIS A 44 -2.97 -4.69 -7.58
CA HIS A 44 -3.80 -5.81 -8.04
C HIS A 44 -2.95 -7.05 -8.33
N LEU A 45 -1.64 -6.85 -8.55
CA LEU A 45 -0.71 -7.93 -8.83
C LEU A 45 -0.36 -8.70 -7.56
N SER A 46 -0.64 -8.10 -6.40
CA SER A 46 -0.44 -8.72 -5.09
C SER A 46 -1.62 -9.59 -4.70
N ASP A 47 -2.48 -9.96 -5.66
CA ASP A 47 -3.62 -10.83 -5.42
C ASP A 47 -3.21 -12.25 -5.08
N ILE A 48 -1.93 -12.57 -5.32
CA ILE A 48 -1.39 -13.90 -5.05
C ILE A 48 -0.67 -13.96 -3.71
N SER A 49 -0.20 -12.79 -3.25
CA SER A 49 0.53 -12.67 -2.01
C SER A 49 1.91 -13.35 -2.10
N TRP A 50 2.74 -13.17 -1.07
CA TRP A 50 3.98 -13.91 -0.95
C TRP A 50 3.78 -15.38 -0.59
N ASN A 51 2.93 -15.65 0.40
CA ASN A 51 2.66 -17.02 0.84
C ASN A 51 1.27 -17.16 1.47
N VAL A 52 0.95 -16.26 2.40
CA VAL A 52 -0.32 -16.26 3.13
C VAL A 52 -1.07 -14.96 2.90
N ALA A 53 -2.38 -14.98 3.15
CA ALA A 53 -3.18 -13.79 3.00
C ALA A 53 -2.73 -12.65 3.92
N GLY A 54 -3.37 -11.50 3.79
CA GLY A 54 -3.06 -10.36 4.63
C GLY A 54 -3.36 -10.59 6.09
N GLU A 55 -4.13 -11.63 6.40
CA GLU A 55 -4.42 -12.00 7.77
C GLU A 55 -3.16 -12.09 8.64
N GLU A 56 -2.03 -12.44 8.02
CA GLU A 56 -0.75 -12.48 8.73
C GLU A 56 -0.05 -11.12 8.71
N ALA A 57 0.01 -10.46 7.56
CA ALA A 57 0.66 -9.15 7.48
C ALA A 57 0.00 -8.13 8.41
N VAL A 58 -1.32 -8.18 8.49
CA VAL A 58 -2.11 -7.31 9.37
C VAL A 58 -1.99 -7.74 10.82
N ARG A 59 -1.57 -8.98 11.09
CA ARG A 59 -1.39 -9.47 12.45
C ARG A 59 -0.45 -8.56 13.27
N GLU A 60 0.41 -7.81 12.60
CA GLU A 60 1.30 -6.87 13.25
C GLU A 60 0.65 -5.52 13.51
N TYR A 61 -0.30 -5.14 12.65
CA TYR A 61 -1.02 -3.88 12.74
C TYR A 61 -2.42 -4.07 13.31
N LYS A 62 -3.23 -3.01 13.28
CA LYS A 62 -4.63 -3.06 13.69
C LYS A 62 -5.58 -3.06 12.49
N LYS A 63 -6.86 -3.37 12.78
CA LYS A 63 -7.91 -3.33 11.77
C LYS A 63 -8.25 -1.90 11.37
N GLY A 64 -8.00 -1.55 10.11
CA GLY A 64 -8.27 -0.20 9.62
C GLY A 64 -7.23 0.82 10.08
N ASP A 65 -6.12 0.36 10.69
CA ASP A 65 -5.07 1.25 11.15
C ASP A 65 -4.30 1.86 9.98
N GLU A 66 -3.61 2.96 10.22
CA GLU A 66 -2.81 3.62 9.21
C GLU A 66 -1.33 3.30 9.39
N ILE A 67 -0.61 3.18 8.27
CA ILE A 67 0.84 2.91 8.28
C ILE A 67 1.64 4.04 7.67
N ALA A 68 2.96 3.98 7.71
CA ALA A 68 3.81 4.97 7.06
C ALA A 68 4.90 4.33 6.23
N ALA A 69 5.10 4.85 5.03
CA ALA A 69 6.13 4.36 4.14
C ALA A 69 6.53 5.39 3.09
N VAL A 70 7.58 5.10 2.36
CA VAL A 70 8.08 5.97 1.29
C VAL A 70 7.81 5.37 -0.08
N VAL A 71 7.57 6.25 -1.06
CA VAL A 71 7.30 5.84 -2.44
C VAL A 71 8.56 5.88 -3.28
N LEU A 72 8.87 4.78 -3.98
CA LEU A 72 10.08 4.70 -4.80
C LEU A 72 9.71 4.38 -6.23
N GLN A 73 8.83 3.39 -6.42
CA GLN A 73 8.42 3.00 -7.74
C GLN A 73 6.91 2.80 -7.78
N VAL A 74 6.25 3.37 -8.78
CA VAL A 74 4.80 3.33 -8.91
C VAL A 74 4.42 3.43 -10.36
N ASP A 75 3.51 2.56 -10.79
CA ASP A 75 3.07 2.55 -12.17
C ASP A 75 1.55 2.61 -12.23
N ALA A 76 1.01 3.45 -13.11
CA ALA A 76 -0.43 3.59 -13.28
C ALA A 76 -1.04 2.45 -14.08
N GLU A 77 -0.26 1.89 -14.99
CA GLU A 77 -0.70 0.78 -15.84
C GLU A 77 -0.40 -0.57 -15.19
N ARG A 78 0.76 -0.66 -14.53
CA ARG A 78 1.14 -1.90 -13.84
C ARG A 78 0.47 -1.99 -12.48
N GLU A 79 0.08 -0.85 -11.91
CA GLU A 79 -0.56 -0.77 -10.59
C GLU A 79 0.38 -1.31 -9.51
N ARG A 80 1.70 -1.25 -9.75
CA ARG A 80 2.69 -1.77 -8.83
C ARG A 80 3.35 -0.63 -8.08
N ILE A 81 3.08 -0.54 -6.80
CA ILE A 81 3.65 0.52 -5.94
C ILE A 81 4.57 -0.09 -4.90
N SER A 82 5.86 0.04 -5.13
CA SER A 82 6.88 -0.44 -4.19
C SER A 82 7.31 0.67 -3.24
N LEU A 83 7.51 0.29 -1.98
CA LEU A 83 7.94 1.17 -0.92
C LEU A 83 9.31 0.77 -0.37
N GLY A 84 10.01 1.74 0.20
CA GLY A 84 11.35 1.56 0.71
C GLY A 84 11.35 1.43 2.19
N VAL A 85 10.19 1.54 2.82
CA VAL A 85 10.01 1.38 4.26
C VAL A 85 10.50 0.02 4.71
N LYS A 86 10.30 -1.02 3.88
CA LYS A 86 10.72 -2.38 4.24
C LYS A 86 12.23 -2.52 4.17
N GLN A 87 12.87 -1.80 3.23
CA GLN A 87 14.31 -1.78 3.12
C GLN A 87 14.94 -0.82 4.14
N LEU A 88 14.19 0.15 4.65
CA LEU A 88 14.71 1.14 5.57
C LEU A 88 15.11 0.48 6.89
N ALA A 89 14.14 -0.19 7.52
CA ALA A 89 14.34 -0.89 8.78
C ALA A 89 13.33 -2.01 8.94
N GLU A 90 13.72 -3.02 9.73
CA GLU A 90 12.85 -4.15 10.05
C GLU A 90 11.83 -3.77 11.14
N ASP A 91 11.07 -4.77 11.57
CA ASP A 91 10.04 -4.59 12.58
C ASP A 91 10.21 -5.62 13.71
N PRO A 92 9.76 -5.27 14.92
CA PRO A 92 9.81 -6.15 16.09
C PRO A 92 8.90 -7.36 15.96
N PHE A 93 8.00 -7.36 14.95
CA PHE A 93 7.05 -8.41 14.70
C PHE A 93 6.01 -8.47 15.84
N ASN A 94 4.93 -9.19 15.59
CA ASN A 94 3.89 -9.38 16.60
C ASN A 94 2.95 -10.51 16.20
N ASN A 95 2.39 -11.18 17.22
CA ASN A 95 1.38 -12.22 17.03
C ASN A 95 -0.05 -11.64 16.96
N LYS A 2 -18.10 8.16 -9.66
CA LYS A 2 -17.55 7.20 -8.69
C LYS A 2 -16.30 6.52 -9.22
N ALA A 3 -16.24 6.30 -10.55
CA ALA A 3 -15.06 5.73 -11.19
C ALA A 3 -14.20 6.82 -11.80
N ASN A 4 -13.15 6.40 -12.52
CA ASN A 4 -12.23 7.27 -13.23
C ASN A 4 -11.58 8.26 -12.26
N PRO A 5 -10.73 7.74 -11.34
CA PRO A 5 -10.10 8.52 -10.31
C PRO A 5 -9.05 9.47 -10.91
N TRP A 6 -9.48 10.58 -11.45
CA TRP A 6 -8.56 11.55 -12.08
C TRP A 6 -7.93 12.45 -11.03
N GLN A 7 -8.60 12.61 -9.90
CA GLN A 7 -8.10 13.43 -8.80
C GLN A 7 -6.95 12.73 -8.11
N GLN A 8 -6.92 11.41 -8.10
CA GLN A 8 -5.86 10.63 -7.47
C GLN A 8 -4.57 10.71 -8.28
N PHE A 9 -4.68 10.98 -9.60
CA PHE A 9 -3.52 11.10 -10.46
C PHE A 9 -2.62 12.27 -10.04
N ALA A 10 -3.22 13.29 -9.45
CA ALA A 10 -2.47 14.43 -8.92
C ALA A 10 -1.88 14.15 -7.55
N GLU A 11 -2.35 13.11 -6.86
CA GLU A 11 -1.88 12.74 -5.54
C GLU A 11 -0.82 11.62 -5.61
N THR A 12 -0.84 10.87 -6.70
CA THR A 12 0.15 9.83 -7.01
C THR A 12 1.44 10.40 -7.60
N HIS A 13 1.49 11.72 -7.74
CA HIS A 13 2.70 12.37 -8.24
C HIS A 13 3.82 12.46 -7.20
N ASN A 14 3.53 12.08 -5.94
CA ASN A 14 4.47 12.13 -4.85
C ASN A 14 5.59 11.12 -5.08
N LYS A 15 6.70 11.32 -4.37
CA LYS A 15 7.90 10.48 -4.51
C LYS A 15 9.00 10.93 -3.55
N GLY A 16 9.31 10.09 -2.57
CA GLY A 16 10.33 10.37 -1.57
C GLY A 16 9.78 10.58 -0.17
N ASP A 17 8.48 10.34 0.02
CA ASP A 17 7.79 10.51 1.27
C ASP A 17 7.34 9.17 1.82
N ARG A 18 6.79 9.17 3.03
CA ARG A 18 6.29 7.98 3.72
C ARG A 18 4.77 7.99 3.80
N VAL A 19 4.17 6.90 3.35
CA VAL A 19 2.72 6.72 3.39
C VAL A 19 2.35 5.51 4.24
N GLU A 20 1.06 5.23 4.31
CA GLU A 20 0.51 4.09 5.01
C GLU A 20 -0.63 3.50 4.23
N GLY A 21 -0.72 2.18 4.24
CA GLY A 21 -1.80 1.45 3.60
C GLY A 21 -3.17 1.82 4.19
N LYS A 22 -4.20 1.23 3.62
CA LYS A 22 -5.56 1.44 4.10
C LYS A 22 -6.36 0.15 4.15
N ILE A 23 -7.26 0.06 5.13
CA ILE A 23 -8.14 -1.10 5.24
C ILE A 23 -9.39 -0.95 4.40
N LYS A 24 -9.63 0.25 3.88
CA LYS A 24 -10.83 0.49 3.07
C LYS A 24 -10.90 -0.46 1.86
N SER A 25 -9.73 -0.94 1.43
CA SER A 25 -9.65 -1.97 0.40
C SER A 25 -10.00 -3.37 0.88
N ILE A 26 -9.78 -4.36 0.04
CA ILE A 26 -10.02 -5.76 0.34
C ILE A 26 -8.71 -6.52 0.41
N THR A 27 -8.72 -7.65 1.10
CA THR A 27 -7.57 -8.55 1.24
C THR A 27 -7.78 -9.76 0.36
N ASP A 28 -6.68 -10.29 -0.19
CA ASP A 28 -6.64 -11.49 -1.04
C ASP A 28 -7.38 -11.26 -2.36
N PHE A 29 -7.64 -9.99 -2.67
CA PHE A 29 -8.44 -9.57 -3.82
C PHE A 29 -8.05 -8.17 -4.29
N GLY A 30 -6.80 -7.79 -4.10
CA GLY A 30 -6.32 -6.48 -4.50
C GLY A 30 -6.23 -5.56 -3.32
N ILE A 31 -5.11 -5.59 -2.63
CA ILE A 31 -4.88 -4.72 -1.49
C ILE A 31 -4.41 -3.36 -1.98
N PHE A 32 -5.12 -2.31 -1.56
CA PHE A 32 -4.74 -0.95 -1.88
C PHE A 32 -4.02 -0.27 -0.71
N ILE A 33 -3.06 0.58 -1.03
CA ILE A 33 -2.27 1.30 -0.04
C ILE A 33 -2.14 2.77 -0.40
N GLY A 34 -2.78 3.63 0.35
CA GLY A 34 -2.69 5.06 0.11
C GLY A 34 -3.24 5.89 1.25
N LEU A 35 -3.13 7.21 1.11
CA LEU A 35 -3.64 8.13 2.11
C LEU A 35 -4.97 8.73 1.71
N ASP A 36 -5.64 9.41 2.63
CA ASP A 36 -6.92 10.09 2.39
C ASP A 36 -6.88 10.96 1.14
N GLY A 37 -5.81 11.75 0.99
CA GLY A 37 -5.57 12.54 -0.20
C GLY A 37 -4.18 12.39 -0.77
N GLY A 38 -3.33 11.56 -0.18
CA GLY A 38 -1.97 11.32 -0.69
C GLY A 38 -1.97 10.32 -1.84
N ILE A 39 -0.82 9.74 -2.09
CA ILE A 39 -0.70 8.75 -3.14
C ILE A 39 -1.45 7.47 -2.80
N ASP A 40 -1.95 6.79 -3.81
CA ASP A 40 -2.66 5.54 -3.71
C ASP A 40 -2.01 4.45 -4.56
N GLY A 41 -2.08 3.23 -4.06
CA GLY A 41 -1.49 2.08 -4.74
C GLY A 41 -2.32 0.85 -4.56
N LEU A 42 -1.94 -0.22 -5.26
CA LEU A 42 -2.65 -1.49 -5.26
C LEU A 42 -1.78 -2.64 -5.71
N VAL A 43 -1.93 -3.79 -5.06
CA VAL A 43 -1.11 -4.96 -5.34
C VAL A 43 -1.79 -6.23 -4.87
N HIS A 44 -2.12 -7.10 -5.81
CA HIS A 44 -2.79 -8.37 -5.48
C HIS A 44 -1.77 -9.44 -5.12
N LEU A 45 -0.59 -9.39 -5.75
CA LEU A 45 0.48 -10.34 -5.46
C LEU A 45 1.10 -10.09 -4.10
N SER A 46 0.85 -8.91 -3.52
CA SER A 46 1.30 -8.59 -2.15
C SER A 46 0.38 -9.16 -1.08
N ASP A 47 -0.51 -10.08 -1.45
CA ASP A 47 -1.42 -10.72 -0.50
C ASP A 47 -0.74 -11.86 0.26
N ILE A 48 0.51 -12.18 -0.12
CA ILE A 48 1.26 -13.28 0.48
C ILE A 48 2.19 -12.78 1.57
N SER A 49 2.44 -11.47 1.60
CA SER A 49 3.34 -10.83 2.53
C SER A 49 4.80 -11.27 2.29
N TRP A 50 5.73 -10.65 3.01
CA TRP A 50 7.12 -11.07 3.01
C TRP A 50 7.33 -12.44 3.65
N ASN A 51 6.69 -12.67 4.80
CA ASN A 51 6.83 -13.92 5.55
C ASN A 51 5.67 -14.19 6.47
N VAL A 52 5.29 -13.16 7.26
CA VAL A 52 4.17 -13.24 8.19
C VAL A 52 2.86 -13.54 7.46
N ALA A 53 1.87 -14.03 8.18
CA ALA A 53 0.57 -14.30 7.58
C ALA A 53 -0.40 -13.15 7.85
N GLY A 54 -0.98 -12.59 6.77
CA GLY A 54 -1.96 -11.54 6.89
C GLY A 54 -3.26 -12.05 7.52
N GLU A 55 -3.47 -13.36 7.62
CA GLU A 55 -4.65 -13.94 8.24
C GLU A 55 -4.77 -13.57 9.72
N GLU A 56 -3.68 -13.13 10.35
CA GLU A 56 -3.67 -12.75 11.77
C GLU A 56 -3.78 -11.25 11.89
N ALA A 57 -2.98 -10.50 11.14
CA ALA A 57 -3.00 -9.04 11.18
C ALA A 57 -4.32 -8.49 10.64
N VAL A 58 -4.88 -9.16 9.62
CA VAL A 58 -6.16 -8.78 9.02
C VAL A 58 -7.31 -9.35 9.83
N ARG A 59 -7.07 -10.34 10.70
CA ARG A 59 -8.12 -10.95 11.50
C ARG A 59 -8.98 -9.90 12.21
N GLU A 60 -8.32 -8.88 12.74
CA GLU A 60 -9.01 -7.78 13.40
C GLU A 60 -8.83 -6.46 12.68
N TYR A 61 -7.68 -6.27 12.00
CA TYR A 61 -7.34 -5.06 11.29
C TYR A 61 -7.62 -3.78 12.09
N LYS A 62 -7.55 -2.63 11.45
CA LYS A 62 -7.94 -1.37 12.06
C LYS A 62 -8.38 -0.35 11.03
N LYS A 63 -8.88 0.80 11.52
CA LYS A 63 -9.26 1.91 10.63
C LYS A 63 -8.05 2.44 9.84
N GLY A 64 -8.10 2.23 8.52
CA GLY A 64 -7.01 2.66 7.65
C GLY A 64 -5.74 1.84 7.87
N ASP A 65 -5.80 0.76 8.64
CA ASP A 65 -4.62 -0.09 8.88
C ASP A 65 -4.39 -0.99 7.68
N GLU A 66 -3.12 -1.35 7.45
CA GLU A 66 -2.72 -2.23 6.35
C GLU A 66 -1.20 -2.41 6.41
N ILE A 67 -0.44 -1.40 5.95
CA ILE A 67 1.01 -1.47 5.84
C ILE A 67 1.63 -0.10 6.01
N ALA A 68 2.95 -0.02 6.00
CA ALA A 68 3.66 1.24 6.08
C ALA A 68 4.95 1.20 5.26
N ALA A 69 5.07 2.15 4.34
CA ALA A 69 6.25 2.26 3.49
C ALA A 69 6.32 3.62 2.82
N VAL A 70 7.40 3.83 2.09
CA VAL A 70 7.64 5.07 1.35
C VAL A 70 7.41 4.87 -0.13
N VAL A 71 6.83 5.86 -0.78
CA VAL A 71 6.56 5.81 -2.22
C VAL A 71 7.67 6.49 -3.00
N LEU A 72 8.20 5.81 -4.01
CA LEU A 72 9.29 6.35 -4.82
C LEU A 72 8.91 6.36 -6.28
N GLN A 73 8.32 5.27 -6.73
CA GLN A 73 7.88 5.15 -8.10
C GLN A 73 6.49 4.56 -8.19
N VAL A 74 5.75 4.94 -9.22
CA VAL A 74 4.37 4.54 -9.42
C VAL A 74 3.87 4.98 -10.78
N ASP A 75 2.98 4.18 -11.34
CA ASP A 75 2.39 4.48 -12.63
C ASP A 75 0.87 4.26 -12.58
N ALA A 76 0.11 5.20 -13.14
CA ALA A 76 -1.34 5.09 -13.18
C ALA A 76 -1.82 4.17 -14.31
N GLU A 77 -1.03 4.06 -15.38
CA GLU A 77 -1.36 3.21 -16.52
C GLU A 77 -0.78 1.80 -16.32
N ARG A 78 0.41 1.71 -15.75
CA ARG A 78 1.03 0.41 -15.48
C ARG A 78 0.54 -0.19 -14.17
N GLU A 79 0.03 0.64 -13.25
CA GLU A 79 -0.46 0.23 -11.95
C GLU A 79 0.66 -0.41 -11.10
N ARG A 80 1.91 -0.09 -11.44
CA ARG A 80 3.07 -0.68 -10.77
C ARG A 80 3.66 0.32 -9.78
N ILE A 81 3.57 0.03 -8.51
CA ILE A 81 4.07 0.93 -7.45
C ILE A 81 5.25 0.28 -6.78
N SER A 82 6.28 1.06 -6.52
CA SER A 82 7.48 0.62 -5.84
C SER A 82 7.81 1.52 -4.66
N LEU A 83 8.32 0.89 -3.61
CA LEU A 83 8.64 1.49 -2.33
C LEU A 83 10.11 1.26 -2.00
N GLY A 84 10.60 2.07 -1.09
CA GLY A 84 12.01 2.09 -0.72
C GLY A 84 12.21 1.49 0.64
N VAL A 85 11.10 1.11 1.31
CA VAL A 85 11.12 0.46 2.61
C VAL A 85 11.99 -0.80 2.57
N LYS A 86 11.97 -1.52 1.44
CA LYS A 86 12.71 -2.76 1.31
C LYS A 86 14.21 -2.48 1.17
N GLN A 87 14.55 -1.36 0.52
CA GLN A 87 15.92 -0.92 0.37
C GLN A 87 16.42 -0.19 1.62
N LEU A 88 15.51 0.32 2.47
CA LEU A 88 15.87 1.06 3.65
C LEU A 88 16.55 0.14 4.64
N ALA A 89 15.88 -0.92 5.05
CA ALA A 89 16.36 -1.91 6.01
C ALA A 89 15.36 -3.05 6.16
N GLU A 90 15.79 -4.10 6.84
CA GLU A 90 14.95 -5.25 7.19
C GLU A 90 13.78 -4.84 8.06
N ASP A 91 12.98 -5.83 8.47
CA ASP A 91 11.80 -5.61 9.28
C ASP A 91 11.99 -6.21 10.68
N PRO A 92 11.30 -5.64 11.67
CA PRO A 92 11.33 -6.11 13.05
C PRO A 92 10.70 -7.49 13.23
N PHE A 93 9.99 -7.97 12.18
CA PHE A 93 9.29 -9.24 12.19
C PHE A 93 8.13 -9.21 13.19
N ASN A 94 7.26 -10.20 13.11
CA ASN A 94 6.14 -10.32 14.04
C ASN A 94 5.60 -11.75 14.03
N ASN A 95 4.96 -12.12 15.15
CA ASN A 95 4.29 -13.41 15.27
C ASN A 95 2.89 -13.44 14.64
N LYS A 2 -18.69 7.50 -12.11
CA LYS A 2 -18.54 8.20 -10.82
C LYS A 2 -17.85 9.53 -11.03
N ALA A 3 -16.65 9.52 -11.60
CA ALA A 3 -15.86 10.71 -11.86
C ALA A 3 -14.57 10.35 -12.59
N ASN A 4 -14.00 11.34 -13.29
CA ASN A 4 -12.77 11.16 -14.08
C ASN A 4 -11.66 12.10 -13.57
N PRO A 5 -11.16 11.85 -12.35
CA PRO A 5 -10.15 12.68 -11.73
C PRO A 5 -8.81 12.51 -12.43
N TRP A 6 -8.58 13.31 -13.48
CA TRP A 6 -7.33 13.25 -14.22
C TRP A 6 -6.20 13.96 -13.48
N GLN A 7 -6.56 14.92 -12.62
CA GLN A 7 -5.58 15.66 -11.83
C GLN A 7 -5.02 14.79 -10.72
N GLN A 8 -5.79 13.80 -10.26
CA GLN A 8 -5.32 12.88 -9.23
C GLN A 8 -4.27 11.91 -9.77
N PHE A 9 -4.26 11.66 -11.08
CA PHE A 9 -3.28 10.77 -11.69
C PHE A 9 -1.86 11.29 -11.49
N ALA A 10 -1.71 12.60 -11.30
CA ALA A 10 -0.41 13.19 -11.01
C ALA A 10 0.00 13.04 -9.55
N GLU A 11 -0.99 12.93 -8.65
CA GLU A 11 -0.75 12.78 -7.22
C GLU A 11 -0.14 11.41 -6.92
N THR A 12 -0.38 10.44 -7.80
CA THR A 12 0.20 9.11 -7.71
C THR A 12 1.46 8.95 -8.55
N HIS A 13 1.92 10.00 -9.21
CA HIS A 13 3.10 9.96 -10.06
C HIS A 13 4.38 10.37 -9.32
N ASN A 14 4.38 10.21 -8.00
CA ASN A 14 5.51 10.58 -7.18
C ASN A 14 6.43 9.39 -6.94
N LYS A 15 7.50 9.63 -6.18
CA LYS A 15 8.49 8.61 -5.85
C LYS A 15 9.52 9.15 -4.87
N GLY A 16 9.58 8.55 -3.69
CA GLY A 16 10.52 8.95 -2.65
C GLY A 16 9.85 9.57 -1.43
N ASP A 17 8.52 9.54 -1.40
CA ASP A 17 7.75 10.12 -0.31
C ASP A 17 7.24 9.02 0.60
N ARG A 18 6.38 9.38 1.55
CA ARG A 18 5.79 8.45 2.50
C ARG A 18 4.29 8.64 2.60
N VAL A 19 3.55 7.56 2.45
CA VAL A 19 2.08 7.56 2.55
C VAL A 19 1.61 6.62 3.64
N GLU A 20 0.30 6.55 3.82
CA GLU A 20 -0.34 5.68 4.79
C GLU A 20 -1.34 4.74 4.13
N GLY A 21 -1.43 3.52 4.63
CA GLY A 21 -2.37 2.54 4.13
C GLY A 21 -3.56 2.36 5.05
N LYS A 22 -4.55 1.63 4.58
CA LYS A 22 -5.75 1.34 5.36
C LYS A 22 -6.13 -0.12 5.29
N ILE A 23 -6.64 -0.67 6.40
CA ILE A 23 -7.08 -2.06 6.45
C ILE A 23 -8.53 -2.19 6.06
N LYS A 24 -9.24 -1.07 5.90
CA LYS A 24 -10.63 -1.12 5.48
C LYS A 24 -10.84 -1.94 4.20
N SER A 25 -9.81 -2.01 3.36
CA SER A 25 -9.82 -2.84 2.16
C SER A 25 -9.48 -4.30 2.43
N ILE A 26 -9.21 -5.05 1.37
CA ILE A 26 -8.81 -6.45 1.47
C ILE A 26 -7.30 -6.61 1.54
N THR A 27 -6.85 -7.79 1.96
CA THR A 27 -5.42 -8.12 2.05
C THR A 27 -5.08 -9.29 1.17
N ASP A 28 -3.81 -9.38 0.78
CA ASP A 28 -3.30 -10.47 -0.06
C ASP A 28 -4.02 -10.48 -1.42
N PHE A 29 -4.60 -9.36 -1.81
CA PHE A 29 -5.38 -9.25 -3.04
C PHE A 29 -5.43 -7.81 -3.52
N GLY A 30 -4.54 -6.98 -2.98
CA GLY A 30 -4.51 -5.58 -3.34
C GLY A 30 -5.24 -4.71 -2.34
N ILE A 31 -4.51 -4.25 -1.33
CA ILE A 31 -5.08 -3.43 -0.26
C ILE A 31 -5.28 -2.00 -0.73
N PHE A 32 -4.64 -1.04 -0.07
CA PHE A 32 -4.69 0.35 -0.39
C PHE A 32 -3.64 1.11 0.39
N ILE A 33 -3.01 2.07 -0.28
CA ILE A 33 -1.95 2.89 0.30
C ILE A 33 -1.96 4.25 -0.35
N GLY A 34 -2.36 5.27 0.40
CA GLY A 34 -2.34 6.65 -0.06
C GLY A 34 -2.72 7.66 0.99
N LEU A 35 -2.77 8.93 0.59
CA LEU A 35 -3.14 10.01 1.50
C LEU A 35 -4.19 10.92 0.90
N ASP A 36 -4.42 12.05 1.58
CA ASP A 36 -5.38 13.05 1.09
C ASP A 36 -4.98 13.59 -0.28
N GLY A 37 -3.68 13.82 -0.49
CA GLY A 37 -3.16 14.27 -1.77
C GLY A 37 -1.86 13.60 -2.17
N GLY A 38 -1.40 12.63 -1.37
CA GLY A 38 -0.18 11.90 -1.67
C GLY A 38 -0.41 10.86 -2.75
N ILE A 39 0.46 9.86 -2.76
CA ILE A 39 0.43 8.80 -3.77
C ILE A 39 -0.50 7.70 -3.32
N ASP A 40 -1.65 7.60 -3.96
CA ASP A 40 -2.63 6.57 -3.68
C ASP A 40 -2.52 5.38 -4.63
N GLY A 41 -2.63 4.19 -4.07
CA GLY A 41 -2.50 2.97 -4.85
C GLY A 41 -2.47 1.72 -4.01
N LEU A 42 -2.87 0.60 -4.60
CA LEU A 42 -2.88 -0.69 -3.94
C LEU A 42 -1.82 -1.64 -4.51
N VAL A 43 -1.31 -2.52 -3.66
CA VAL A 43 -0.32 -3.51 -4.06
C VAL A 43 -0.96 -4.86 -4.34
N HIS A 44 -1.13 -5.19 -5.60
CA HIS A 44 -1.70 -6.49 -5.96
C HIS A 44 -0.68 -7.62 -5.82
N LEU A 45 0.61 -7.26 -5.74
CA LEU A 45 1.69 -8.23 -5.55
C LEU A 45 1.59 -8.94 -4.20
N SER A 46 0.80 -8.38 -3.29
CA SER A 46 0.53 -9.03 -2.00
C SER A 46 -0.17 -10.37 -2.17
N ASP A 47 -0.74 -10.66 -3.34
CA ASP A 47 -1.37 -11.95 -3.62
C ASP A 47 -0.36 -13.08 -3.83
N ILE A 48 0.93 -12.72 -3.84
CA ILE A 48 2.00 -13.69 -4.05
C ILE A 48 2.59 -14.15 -2.74
N SER A 49 3.02 -13.18 -1.93
CA SER A 49 3.56 -13.45 -0.60
C SER A 49 4.92 -14.16 -0.73
N TRP A 50 5.80 -13.97 0.26
CA TRP A 50 7.10 -14.65 0.22
C TRP A 50 6.99 -16.09 0.68
N ASN A 51 6.39 -16.28 1.85
CA ASN A 51 6.21 -17.61 2.42
C ASN A 51 5.00 -17.68 3.33
N VAL A 52 4.88 -16.71 4.24
CA VAL A 52 3.77 -16.62 5.18
C VAL A 52 2.59 -15.92 4.53
N ALA A 53 1.41 -16.10 5.13
CA ALA A 53 0.21 -15.43 4.67
C ALA A 53 -0.08 -14.15 5.45
N GLY A 54 -1.12 -13.44 5.01
CA GLY A 54 -1.55 -12.22 5.66
C GLY A 54 -2.10 -12.48 7.05
N GLU A 55 -2.37 -13.74 7.42
CA GLU A 55 -2.84 -14.14 8.75
C GLU A 55 -1.98 -13.56 9.88
N GLU A 56 -0.68 -13.37 9.61
CA GLU A 56 0.24 -12.80 10.58
C GLU A 56 0.29 -11.28 10.45
N ALA A 57 0.32 -10.77 9.22
CA ALA A 57 0.36 -9.34 8.99
C ALA A 57 -0.87 -8.64 9.56
N VAL A 58 -2.03 -9.26 9.40
CA VAL A 58 -3.29 -8.74 9.95
C VAL A 58 -3.31 -8.81 11.50
N ARG A 59 -2.44 -9.64 12.08
CA ARG A 59 -2.39 -9.78 13.53
C ARG A 59 -2.07 -8.45 14.20
N GLU A 60 -1.24 -7.62 13.55
CA GLU A 60 -0.89 -6.30 14.07
C GLU A 60 -1.95 -5.26 13.70
N TYR A 61 -2.44 -5.31 12.45
CA TYR A 61 -3.43 -4.36 11.97
C TYR A 61 -4.65 -5.08 11.43
N LYS A 62 -5.83 -4.61 11.81
CA LYS A 62 -7.08 -5.20 11.34
C LYS A 62 -8.05 -4.15 10.86
N LYS A 63 -9.26 -4.56 10.45
CA LYS A 63 -10.30 -3.64 9.99
C LYS A 63 -10.37 -2.37 10.87
N GLY A 64 -10.08 -1.23 10.27
CA GLY A 64 -10.03 0.02 11.01
C GLY A 64 -8.63 0.49 11.38
N ASP A 65 -7.60 -0.17 10.88
CA ASP A 65 -6.22 0.19 11.14
C ASP A 65 -5.59 0.82 9.89
N GLU A 66 -4.43 1.42 10.08
CA GLU A 66 -3.69 2.05 9.01
C GLU A 66 -2.19 1.75 9.11
N ILE A 67 -1.55 1.63 7.95
CA ILE A 67 -0.10 1.36 7.89
C ILE A 67 0.68 2.57 7.37
N ALA A 68 2.00 2.47 7.31
CA ALA A 68 2.83 3.52 6.74
C ALA A 68 3.93 2.93 5.87
N ALA A 69 4.05 3.43 4.65
CA ALA A 69 5.08 3.01 3.73
C ALA A 69 5.49 4.12 2.77
N VAL A 70 6.54 3.88 2.01
CA VAL A 70 7.06 4.82 1.03
C VAL A 70 6.76 4.37 -0.38
N VAL A 71 6.59 5.33 -1.27
CA VAL A 71 6.31 5.05 -2.69
C VAL A 71 7.57 5.11 -3.53
N LEU A 72 7.81 4.07 -4.30
CA LEU A 72 9.02 3.99 -5.14
C LEU A 72 8.64 3.81 -6.59
N GLN A 73 7.68 2.93 -6.84
CA GLN A 73 7.22 2.68 -8.19
C GLN A 73 5.71 2.64 -8.24
N VAL A 74 5.14 3.11 -9.34
CA VAL A 74 3.69 3.21 -9.51
C VAL A 74 3.35 3.58 -10.93
N ASP A 75 2.26 3.00 -11.43
CA ASP A 75 1.79 3.31 -12.77
C ASP A 75 0.29 3.59 -12.77
N ALA A 76 -0.13 4.62 -13.51
CA ALA A 76 -1.54 4.97 -13.61
C ALA A 76 -2.29 4.07 -14.59
N GLU A 77 -1.59 3.55 -15.60
CA GLU A 77 -2.18 2.66 -16.59
C GLU A 77 -2.06 1.20 -16.15
N ARG A 78 -0.93 0.85 -15.53
CA ARG A 78 -0.72 -0.52 -15.05
C ARG A 78 -1.37 -0.74 -13.70
N GLU A 79 -1.60 0.34 -12.94
CA GLU A 79 -2.20 0.31 -11.61
C GLU A 79 -1.36 -0.50 -10.63
N ARG A 80 -0.06 -0.64 -10.94
CA ARG A 80 0.86 -1.44 -10.15
C ARG A 80 1.76 -0.52 -9.35
N ILE A 81 1.59 -0.52 -8.04
CA ILE A 81 2.44 0.28 -7.14
C ILE A 81 3.25 -0.62 -6.24
N SER A 82 4.46 -0.19 -5.93
CA SER A 82 5.36 -0.89 -5.04
C SER A 82 5.91 0.06 -3.97
N LEU A 83 6.02 -0.48 -2.76
CA LEU A 83 6.54 0.24 -1.61
C LEU A 83 7.88 -0.32 -1.17
N GLY A 84 8.65 0.53 -0.50
CA GLY A 84 10.02 0.21 -0.09
C GLY A 84 10.14 0.12 1.40
N VAL A 85 9.02 0.30 2.09
CA VAL A 85 8.98 0.17 3.55
C VAL A 85 9.54 -1.18 4.00
N LYS A 86 9.37 -2.22 3.17
CA LYS A 86 9.86 -3.54 3.49
C LYS A 86 11.38 -3.63 3.33
N GLN A 87 11.92 -2.92 2.34
CA GLN A 87 13.36 -2.85 2.12
C GLN A 87 14.04 -1.86 3.07
N LEU A 88 13.28 -0.91 3.63
CA LEU A 88 13.81 0.12 4.50
C LEU A 88 14.33 -0.53 5.78
N ALA A 89 13.42 -1.20 6.51
CA ALA A 89 13.73 -1.85 7.76
C ALA A 89 12.49 -2.55 8.32
N GLU A 90 12.52 -3.88 8.34
CA GLU A 90 11.44 -4.68 8.90
C GLU A 90 11.47 -4.66 10.43
N ASP A 91 10.53 -5.37 11.04
CA ASP A 91 10.41 -5.43 12.47
C ASP A 91 10.00 -6.84 12.93
N PRO A 92 10.36 -7.21 14.17
CA PRO A 92 10.02 -8.50 14.75
C PRO A 92 8.55 -8.64 15.04
N PHE A 93 7.78 -7.55 14.95
CA PHE A 93 6.35 -7.50 15.21
C PHE A 93 6.07 -7.79 16.67
N ASN A 94 4.86 -7.47 17.10
CA ASN A 94 4.45 -7.71 18.48
C ASN A 94 2.95 -7.51 18.62
N ASN A 95 2.39 -8.15 19.65
CA ASN A 95 0.97 -7.97 19.97
C ASN A 95 0.63 -6.54 20.46
#